data_4QKV
#
_entry.id   4QKV
#
_cell.length_a   41.030
_cell.length_b   98.690
_cell.length_c   104.840
_cell.angle_alpha   90.00
_cell.angle_beta   90.00
_cell.angle_gamma   90.00
#
_symmetry.space_group_name_H-M   'P 21 21 21'
#
loop_
_entity.id
_entity.type
_entity.pdbx_description
1 polymer 'Polymerase I and transcript release factor'
2 water water
#
_entity_poly.entity_id   1
_entity_poly.type   'polypeptide(L)'
_entity_poly.pdbx_seq_one_letter_code
;LIKSDQVNGVLVLSLLDKIIGAVDQIQLTQAQLEERQAEMEGAVQSIQGELSKLGKAHATTSNTVSKLLEKVRKVSVNVK
TVRGSLERQAGQIKKLEVNEAELLRRRNFKV
;
_entity_poly.pdbx_strand_id   A,B,C
#
# COMPACT_ATOMS: atom_id res chain seq x y z
N ILE A 2 -66.12 -7.08 7.66
CA ILE A 2 -67.03 -6.44 6.72
C ILE A 2 -67.85 -7.44 5.93
N LYS A 3 -69.16 -7.23 5.89
CA LYS A 3 -70.05 -8.25 5.35
C LYS A 3 -70.35 -8.09 3.86
N SER A 4 -70.46 -6.86 3.37
CA SER A 4 -70.97 -6.69 2.02
C SER A 4 -69.92 -7.05 0.99
N ASP A 5 -70.39 -7.23 -0.23
CA ASP A 5 -69.53 -7.62 -1.33
C ASP A 5 -68.92 -6.40 -2.02
N GLN A 6 -69.76 -5.43 -2.35
CA GLN A 6 -69.35 -4.25 -3.10
C GLN A 6 -68.14 -3.60 -2.45
N VAL A 7 -68.18 -3.55 -1.13
CA VAL A 7 -67.13 -2.91 -0.34
C VAL A 7 -65.84 -3.76 -0.29
N ASN A 8 -65.96 -5.06 -0.05
CA ASN A 8 -64.79 -5.94 -0.07
C ASN A 8 -64.12 -5.94 -1.44
N GLY A 9 -64.92 -5.91 -2.51
CA GLY A 9 -64.39 -5.69 -3.84
C GLY A 9 -63.48 -4.46 -3.88
N VAL A 10 -63.91 -3.38 -3.23
CA VAL A 10 -63.15 -2.14 -3.21
C VAL A 10 -61.86 -2.29 -2.43
N LEU A 11 -61.94 -2.97 -1.28
CA LEU A 11 -60.76 -3.36 -0.50
C LEU A 11 -59.74 -4.08 -1.38
N VAL A 12 -60.12 -5.27 -1.87
CA VAL A 12 -59.28 -6.07 -2.74
C VAL A 12 -58.68 -5.22 -3.87
N LEU A 13 -59.51 -4.45 -4.54
CA LEU A 13 -59.03 -3.63 -5.66
C LEU A 13 -57.91 -2.67 -5.24
N SER A 14 -58.12 -1.90 -4.17
CA SER A 14 -57.11 -0.91 -3.76
C SER A 14 -55.83 -1.56 -3.20
N LEU A 15 -55.98 -2.65 -2.45
CA LEU A 15 -54.84 -3.47 -2.03
C LEU A 15 -54.09 -4.00 -3.24
N LEU A 16 -54.77 -4.79 -4.07
CA LEU A 16 -54.16 -5.33 -5.28
C LEU A 16 -53.37 -4.29 -6.06
N ASP A 17 -53.96 -3.11 -6.21
CA ASP A 17 -53.32 -2.08 -7.01
C ASP A 17 -52.03 -1.54 -6.35
N LYS A 18 -52.02 -1.45 -5.03
CA LYS A 18 -50.84 -0.91 -4.32
C LYS A 18 -49.74 -1.96 -4.20
N ILE A 19 -50.12 -3.22 -4.02
CA ILE A 19 -49.22 -4.36 -4.13
C ILE A 19 -48.46 -4.35 -5.46
N ILE A 20 -49.18 -4.13 -6.57
CA ILE A 20 -48.57 -4.15 -7.89
C ILE A 20 -47.63 -2.97 -8.14
N GLY A 21 -47.92 -1.82 -7.53
CA GLY A 21 -47.06 -0.65 -7.68
C GLY A 21 -45.76 -0.83 -6.93
N ALA A 22 -45.88 -1.40 -5.75
CA ALA A 22 -44.74 -1.73 -4.91
C ALA A 22 -43.86 -2.76 -5.60
N VAL A 23 -44.47 -3.78 -6.20
CA VAL A 23 -43.71 -4.85 -6.83
C VAL A 23 -42.98 -4.31 -8.04
N ASP A 24 -43.59 -3.34 -8.72
CA ASP A 24 -43.00 -2.87 -9.95
C ASP A 24 -41.86 -1.92 -9.67
N GLN A 25 -41.88 -1.28 -8.51
CA GLN A 25 -40.74 -0.50 -8.03
C GLN A 25 -39.59 -1.42 -7.58
N ILE A 26 -39.89 -2.41 -6.74
CA ILE A 26 -38.92 -3.44 -6.31
C ILE A 26 -38.14 -4.05 -7.47
N GLN A 27 -38.83 -4.27 -8.59
CA GLN A 27 -38.18 -4.84 -9.75
C GLN A 27 -37.24 -3.87 -10.40
N LEU A 28 -37.63 -2.60 -10.38
CA LEU A 28 -36.83 -1.54 -10.99
C LEU A 28 -35.54 -1.35 -10.21
N THR A 29 -35.70 -1.33 -8.89
CA THR A 29 -34.59 -1.23 -7.98
C THR A 29 -33.70 -2.45 -8.08
N GLN A 30 -34.32 -3.62 -8.15
CA GLN A 30 -33.57 -4.86 -8.21
C GLN A 30 -32.77 -4.91 -9.49
N ALA A 31 -33.35 -4.37 -10.55
CA ALA A 31 -32.64 -4.19 -11.83
C ALA A 31 -31.34 -3.40 -11.63
N GLN A 32 -31.39 -2.35 -10.80
CA GLN A 32 -30.27 -1.46 -10.57
C GLN A 32 -29.20 -2.15 -9.73
N LEU A 33 -29.62 -2.73 -8.62
CA LEU A 33 -28.72 -3.43 -7.72
C LEU A 33 -27.80 -4.42 -8.44
N GLU A 34 -28.33 -5.13 -9.42
CA GLU A 34 -27.52 -6.12 -10.11
C GLU A 34 -26.48 -5.45 -11.00
N GLU A 35 -26.89 -4.37 -11.66
CA GLU A 35 -26.00 -3.70 -12.60
C GLU A 35 -24.84 -3.06 -11.82
N ARG A 36 -25.11 -2.61 -10.61
CA ARG A 36 -24.08 -1.99 -9.79
C ARG A 36 -23.13 -3.02 -9.20
N GLN A 37 -23.68 -4.15 -8.80
CA GLN A 37 -22.87 -5.26 -8.33
C GLN A 37 -21.90 -5.72 -9.37
N ALA A 38 -22.27 -5.53 -10.63
CA ALA A 38 -21.46 -5.97 -11.77
C ALA A 38 -20.38 -4.96 -12.04
N GLU A 39 -20.75 -3.69 -11.91
CA GLU A 39 -19.80 -2.59 -12.02
C GLU A 39 -18.69 -2.77 -11.01
N MET A 40 -19.01 -3.37 -9.87
CA MET A 40 -18.03 -3.30 -8.81
C MET A 40 -17.11 -4.50 -8.71
N GLU A 41 -17.58 -5.68 -9.08
CA GLU A 41 -16.70 -6.82 -9.30
C GLU A 41 -15.56 -6.46 -10.26
N GLY A 42 -15.84 -5.54 -11.18
CA GLY A 42 -14.89 -5.15 -12.20
C GLY A 42 -13.94 -4.10 -11.70
N ALA A 43 -14.46 -3.24 -10.83
CA ALA A 43 -13.64 -2.26 -10.13
C ALA A 43 -12.71 -2.98 -9.16
N VAL A 44 -13.32 -3.77 -8.29
CA VAL A 44 -12.60 -4.52 -7.27
C VAL A 44 -11.45 -5.37 -7.81
N GLN A 45 -11.63 -5.98 -8.98
CA GLN A 45 -10.60 -6.86 -9.51
C GLN A 45 -9.45 -6.02 -10.07
N SER A 46 -9.82 -4.89 -10.67
CA SER A 46 -8.84 -3.94 -11.22
C SER A 46 -8.01 -3.29 -10.12
N ILE A 47 -8.69 -3.07 -9.00
CA ILE A 47 -8.06 -2.63 -7.78
C ILE A 47 -7.08 -3.69 -7.32
N GLN A 48 -7.58 -4.91 -7.20
CA GLN A 48 -6.73 -6.04 -6.85
C GLN A 48 -5.51 -6.10 -7.78
N GLY A 49 -5.76 -5.90 -9.07
CA GLY A 49 -4.70 -5.96 -10.04
C GLY A 49 -3.65 -4.88 -9.81
N GLU A 50 -4.13 -3.66 -9.57
CA GLU A 50 -3.27 -2.51 -9.34
C GLU A 50 -2.47 -2.70 -8.07
N LEU A 51 -3.15 -3.17 -7.04
CA LEU A 51 -2.57 -3.40 -5.72
C LEU A 51 -1.47 -4.45 -5.68
N SER A 52 -1.73 -5.64 -6.18
CA SER A 52 -0.73 -6.70 -6.09
C SER A 52 0.48 -6.32 -6.93
N LYS A 53 0.21 -5.54 -7.98
CA LYS A 53 1.24 -5.03 -8.87
C LYS A 53 2.16 -4.12 -8.07
N LEU A 54 1.55 -3.27 -7.24
CA LEU A 54 2.28 -2.35 -6.38
C LEU A 54 3.08 -3.08 -5.27
N GLY A 55 2.55 -4.14 -4.70
CA GLY A 55 3.27 -4.88 -3.68
C GLY A 55 4.53 -5.48 -4.28
N LYS A 56 4.42 -5.94 -5.52
CA LYS A 56 5.58 -6.47 -6.25
C LYS A 56 6.57 -5.34 -6.43
N ALA A 57 6.07 -4.16 -6.75
CA ALA A 57 6.90 -2.98 -6.87
C ALA A 57 7.70 -2.75 -5.58
N HIS A 58 7.01 -2.74 -4.45
CA HIS A 58 7.66 -2.47 -3.16
C HIS A 58 8.65 -3.55 -2.71
N ALA A 59 8.39 -4.80 -3.06
CA ALA A 59 9.31 -5.88 -2.73
C ALA A 59 10.66 -5.57 -3.34
N THR A 60 10.63 -5.29 -4.64
CA THR A 60 11.82 -4.94 -5.39
C THR A 60 12.58 -3.83 -4.68
N THR A 61 11.85 -2.85 -4.14
CA THR A 61 12.51 -1.71 -3.53
C THR A 61 13.09 -2.05 -2.17
N SER A 62 12.29 -2.69 -1.33
CA SER A 62 12.69 -3.05 0.01
C SER A 62 13.94 -3.93 -0.03
N ASN A 63 14.04 -4.71 -1.09
CA ASN A 63 15.21 -5.53 -1.33
C ASN A 63 16.43 -4.72 -1.77
N THR A 64 16.22 -3.75 -2.67
CA THR A 64 17.32 -2.87 -3.06
C THR A 64 17.88 -2.21 -1.81
N VAL A 65 16.98 -1.80 -0.91
CA VAL A 65 17.34 -1.11 0.33
C VAL A 65 18.13 -2.01 1.26
N SER A 66 17.70 -3.25 1.42
CA SER A 66 18.42 -4.19 2.27
C SER A 66 19.83 -4.46 1.71
N LYS A 67 19.94 -4.49 0.39
CA LYS A 67 21.23 -4.53 -0.27
C LYS A 67 22.04 -3.27 0.08
N LEU A 68 21.53 -2.08 -0.27
CA LEU A 68 22.24 -0.81 0.01
C LEU A 68 22.65 -0.71 1.48
N LEU A 69 21.75 -1.07 2.39
CA LEU A 69 22.07 -1.12 3.81
C LEU A 69 23.32 -1.99 4.11
N GLU A 70 23.50 -3.07 3.38
CA GLU A 70 24.62 -3.94 3.66
C GLU A 70 25.94 -3.42 3.08
N LYS A 71 25.84 -2.66 2.00
CA LYS A 71 27.02 -2.17 1.33
C LYS A 71 27.54 -0.97 2.09
N VAL A 72 26.71 -0.33 2.92
CA VAL A 72 27.17 0.89 3.58
C VAL A 72 28.06 0.58 4.77
N ARG A 73 27.77 -0.45 5.55
CA ARG A 73 28.69 -0.66 6.66
C ARG A 73 29.62 -1.79 6.31
N LYS A 74 29.67 -2.09 5.01
CA LYS A 74 30.88 -2.61 4.38
C LYS A 74 31.79 -1.45 4.06
N VAL A 75 31.22 -0.24 3.93
CA VAL A 75 32.03 0.94 3.65
C VAL A 75 32.51 1.59 4.97
N SER A 76 31.75 1.44 6.04
CA SER A 76 32.14 1.99 7.35
C SER A 76 33.20 1.14 8.02
N VAL A 77 33.14 -0.16 7.77
CA VAL A 77 34.24 -1.05 8.12
C VAL A 77 35.47 -0.53 7.40
N ASN A 78 35.38 -0.43 6.08
CA ASN A 78 36.46 0.12 5.26
C ASN A 78 36.97 1.48 5.77
N VAL A 79 36.06 2.34 6.19
CA VAL A 79 36.44 3.69 6.58
C VAL A 79 37.20 3.73 7.91
N LYS A 80 36.79 2.92 8.88
CA LYS A 80 37.41 3.09 10.18
C LYS A 80 38.65 2.22 10.36
N THR A 81 38.90 1.34 9.39
CA THR A 81 40.22 0.74 9.28
C THR A 81 41.16 1.75 8.63
N VAL A 82 40.62 2.53 7.70
CA VAL A 82 41.38 3.60 7.04
C VAL A 82 41.66 4.72 8.02
N ARG A 83 40.69 5.03 8.88
CA ARG A 83 40.96 5.95 9.97
C ARG A 83 41.92 5.28 10.94
N GLY A 84 41.77 3.98 11.12
CA GLY A 84 42.64 3.22 12.01
C GLY A 84 44.11 3.30 11.64
N SER A 85 44.40 3.16 10.35
CA SER A 85 45.77 3.23 9.89
C SER A 85 46.25 4.67 9.77
N LEU A 86 45.32 5.62 9.76
CA LEU A 86 45.67 7.03 9.61
C LEU A 86 46.50 7.57 10.77
N GLU A 87 46.07 7.35 12.01
CA GLU A 87 46.82 7.88 13.15
C GLU A 87 47.95 6.95 13.55
N ARG A 88 47.84 5.68 13.16
CA ARG A 88 49.01 4.82 13.27
C ARG A 88 50.08 5.45 12.40
N GLN A 89 49.70 5.97 11.23
CA GLN A 89 50.64 6.71 10.40
C GLN A 89 51.04 8.04 11.07
N ALA A 90 50.09 8.68 11.74
CA ALA A 90 50.34 9.97 12.37
C ALA A 90 51.33 9.85 13.51
N GLY A 91 51.12 8.84 14.35
CA GLY A 91 52.06 8.51 15.41
C GLY A 91 53.46 8.27 14.86
N GLN A 92 53.59 7.38 13.88
CA GLN A 92 54.90 7.01 13.34
C GLN A 92 55.55 8.18 12.59
N ILE A 93 54.75 9.17 12.19
CA ILE A 93 55.29 10.35 11.55
C ILE A 93 55.82 11.31 12.60
N LYS A 94 55.05 11.51 13.66
CA LYS A 94 55.50 12.35 14.76
C LYS A 94 56.70 11.71 15.46
N LYS A 95 56.70 10.38 15.51
CA LYS A 95 57.86 9.66 16.01
C LYS A 95 59.07 9.88 15.14
N LEU A 96 58.89 10.21 13.86
CA LEU A 96 60.02 10.57 12.99
C LEU A 96 60.40 12.04 13.23
N GLU A 97 59.39 12.84 13.57
CA GLU A 97 59.56 14.27 13.75
C GLU A 97 60.25 14.62 15.08
N VAL A 98 60.03 13.80 16.09
CA VAL A 98 60.64 14.04 17.40
C VAL A 98 61.83 13.09 17.58
N ASN A 99 61.83 11.97 16.84
CA ASN A 99 63.07 11.19 16.63
C ASN A 99 64.09 12.15 16.00
N GLU A 100 63.67 12.93 15.03
CA GLU A 100 64.50 13.97 14.48
C GLU A 100 65.03 14.78 15.65
N ALA A 101 64.09 15.25 16.47
CA ALA A 101 64.30 16.48 17.27
C ALA A 101 65.74 16.89 17.71
N GLU A 102 66.80 16.33 17.13
CA GLU A 102 68.13 16.96 17.07
C GLU A 102 68.60 17.78 18.27
N ASN B 8 -64.73 -18.57 0.67
CA ASN B 8 -63.48 -18.51 -0.06
C ASN B 8 -62.93 -17.09 -0.14
N GLY B 9 -63.83 -16.11 0.00
CA GLY B 9 -63.44 -14.72 0.04
C GLY B 9 -62.49 -14.48 1.21
N VAL B 10 -62.69 -15.24 2.28
CA VAL B 10 -61.81 -15.22 3.44
C VAL B 10 -60.41 -15.75 3.03
N LEU B 11 -60.38 -16.77 2.18
CA LEU B 11 -59.14 -17.36 1.73
C LEU B 11 -58.37 -16.39 0.84
N VAL B 12 -59.11 -15.56 0.10
CA VAL B 12 -58.50 -14.57 -0.79
C VAL B 12 -57.83 -13.46 0.03
N LEU B 13 -58.53 -12.94 1.02
CA LEU B 13 -57.96 -11.92 1.90
C LEU B 13 -56.82 -12.49 2.76
N SER B 14 -57.00 -13.74 3.19
CA SER B 14 -56.01 -14.50 3.93
C SER B 14 -54.70 -14.62 3.16
N LEU B 15 -54.85 -14.69 1.85
CA LEU B 15 -53.73 -14.84 0.92
C LEU B 15 -53.21 -13.46 0.52
N LEU B 16 -54.05 -12.45 0.73
CA LEU B 16 -53.66 -11.12 0.31
C LEU B 16 -52.75 -10.47 1.32
N ASP B 17 -53.07 -10.62 2.60
CA ASP B 17 -52.21 -10.02 3.61
C ASP B 17 -50.94 -10.85 3.83
N LYS B 18 -50.95 -12.11 3.36
CA LYS B 18 -49.71 -12.88 3.32
C LYS B 18 -48.79 -12.34 2.23
N ILE B 19 -49.36 -12.06 1.07
CA ILE B 19 -48.60 -11.41 0.00
C ILE B 19 -48.12 -10.04 0.45
N ILE B 20 -48.98 -9.31 1.14
CA ILE B 20 -48.58 -8.00 1.64
C ILE B 20 -47.37 -8.13 2.56
N GLY B 21 -47.42 -9.09 3.47
CA GLY B 21 -46.35 -9.29 4.44
C GLY B 21 -45.01 -9.52 3.79
N ALA B 22 -45.02 -10.34 2.74
CA ALA B 22 -43.85 -10.71 1.96
C ALA B 22 -43.20 -9.47 1.37
N VAL B 23 -44.00 -8.73 0.61
CA VAL B 23 -43.54 -7.51 -0.04
C VAL B 23 -43.05 -6.48 1.00
N ASP B 24 -43.66 -6.48 2.18
CA ASP B 24 -43.20 -5.61 3.25
C ASP B 24 -41.76 -5.94 3.56
N GLN B 25 -41.48 -7.22 3.76
CA GLN B 25 -40.16 -7.65 4.17
C GLN B 25 -39.16 -7.44 3.04
N ILE B 26 -39.57 -7.79 1.82
CA ILE B 26 -38.71 -7.62 0.65
C ILE B 26 -38.34 -6.16 0.41
N GLN B 27 -39.27 -5.24 0.67
CA GLN B 27 -38.93 -3.83 0.63
C GLN B 27 -37.89 -3.48 1.72
N LEU B 28 -38.03 -4.03 2.92
CA LEU B 28 -37.14 -3.68 4.00
C LEU B 28 -35.76 -4.19 3.63
N THR B 29 -35.69 -5.45 3.25
CA THR B 29 -34.42 -6.06 2.95
C THR B 29 -33.76 -5.37 1.77
N GLN B 30 -34.53 -4.83 0.86
CA GLN B 30 -33.91 -4.33 -0.33
C GLN B 30 -33.35 -2.94 -0.02
N ALA B 31 -33.95 -2.28 0.97
CA ALA B 31 -33.44 -1.01 1.45
C ALA B 31 -32.03 -1.22 1.95
N GLN B 32 -31.92 -2.23 2.82
CA GLN B 32 -30.69 -2.70 3.42
C GLN B 32 -29.60 -3.01 2.39
N LEU B 33 -29.98 -3.70 1.33
CA LEU B 33 -29.08 -3.91 0.21
C LEU B 33 -28.65 -2.61 -0.46
N GLU B 34 -29.56 -1.67 -0.68
CA GLU B 34 -29.20 -0.43 -1.37
C GLU B 34 -28.13 0.26 -0.55
N GLU B 35 -28.28 0.12 0.77
CA GLU B 35 -27.43 0.81 1.74
C GLU B 35 -26.06 0.17 1.77
N ARG B 36 -26.06 -1.10 2.13
CA ARG B 36 -24.87 -1.93 2.08
C ARG B 36 -24.08 -1.75 0.79
N GLN B 37 -24.79 -1.60 -0.33
CA GLN B 37 -24.08 -1.47 -1.59
C GLN B 37 -23.47 -0.08 -1.75
N ALA B 38 -24.24 0.94 -1.39
CA ALA B 38 -23.74 2.32 -1.42
C ALA B 38 -22.46 2.43 -0.61
N GLU B 39 -22.52 1.86 0.60
CA GLU B 39 -21.40 1.82 1.53
C GLU B 39 -20.12 1.25 0.94
N MET B 40 -20.26 0.16 0.21
CA MET B 40 -19.10 -0.53 -0.36
C MET B 40 -18.54 0.23 -1.56
N GLU B 41 -19.41 0.92 -2.30
CA GLU B 41 -18.95 1.74 -3.42
C GLU B 41 -18.12 2.88 -2.84
N GLY B 42 -18.51 3.28 -1.64
CA GLY B 42 -17.78 4.28 -0.88
C GLY B 42 -16.44 3.76 -0.43
N ALA B 43 -16.43 2.63 0.27
CA ALA B 43 -15.18 1.95 0.67
C ALA B 43 -14.19 1.89 -0.51
N VAL B 44 -14.61 1.22 -1.57
CA VAL B 44 -13.86 1.07 -2.84
C VAL B 44 -13.30 2.40 -3.38
N GLN B 45 -14.01 3.51 -3.21
CA GLN B 45 -13.54 4.77 -3.76
C GLN B 45 -12.46 5.39 -2.87
N SER B 46 -12.60 5.20 -1.56
CA SER B 46 -11.52 5.48 -0.61
C SER B 46 -10.27 4.73 -1.05
N ILE B 47 -10.35 3.41 -1.03
CA ILE B 47 -9.27 2.51 -1.44
C ILE B 47 -8.56 2.89 -2.74
N GLN B 48 -9.30 3.31 -3.76
CA GLN B 48 -8.64 3.68 -5.01
C GLN B 48 -7.84 4.94 -4.76
N GLY B 49 -8.41 5.85 -3.97
CA GLY B 49 -7.76 7.11 -3.69
C GLY B 49 -6.46 6.87 -2.97
N GLU B 50 -6.50 5.95 -2.01
CA GLU B 50 -5.36 5.71 -1.14
C GLU B 50 -4.32 4.90 -1.90
N LEU B 51 -4.79 3.95 -2.68
CA LEU B 51 -3.91 3.17 -3.51
C LEU B 51 -3.21 4.11 -4.51
N SER B 52 -3.93 5.14 -4.95
CA SER B 52 -3.40 6.05 -5.94
C SER B 52 -2.27 6.86 -5.30
N LYS B 53 -2.44 7.15 -4.01
CA LYS B 53 -1.46 7.91 -3.23
C LYS B 53 -0.23 7.09 -2.91
N LEU B 54 -0.44 5.89 -2.38
CA LEU B 54 0.69 5.02 -2.05
C LEU B 54 1.56 4.75 -3.27
N GLY B 55 0.99 4.86 -4.45
CA GLY B 55 1.71 4.60 -5.66
C GLY B 55 2.64 5.76 -6.01
N LYS B 56 2.17 6.98 -5.78
CA LYS B 56 3.02 8.18 -5.94
C LYS B 56 4.13 8.13 -4.90
N ALA B 57 3.75 7.84 -3.66
CA ALA B 57 4.70 7.67 -2.55
C ALA B 57 5.87 6.78 -2.90
N HIS B 58 5.55 5.57 -3.33
CA HIS B 58 6.56 4.57 -3.64
C HIS B 58 7.42 4.99 -4.80
N ALA B 59 6.79 5.60 -5.81
CA ALA B 59 7.53 6.06 -6.98
C ALA B 59 8.58 7.05 -6.56
N THR B 60 8.25 7.78 -5.50
CA THR B 60 9.11 8.80 -4.94
C THR B 60 10.23 8.17 -4.16
N THR B 61 9.88 7.21 -3.32
CA THR B 61 10.86 6.47 -2.55
C THR B 61 11.82 5.75 -3.48
N SER B 62 11.24 5.23 -4.55
CA SER B 62 12.01 4.52 -5.55
C SER B 62 13.06 5.50 -6.07
N ASN B 63 12.58 6.65 -6.51
CA ASN B 63 13.44 7.68 -7.09
C ASN B 63 14.55 8.09 -6.16
N THR B 64 14.26 8.10 -4.86
CA THR B 64 15.24 8.45 -3.86
C THR B 64 16.32 7.39 -3.73
N VAL B 65 15.91 6.14 -3.61
CA VAL B 65 16.86 5.03 -3.47
C VAL B 65 17.90 4.98 -4.61
N SER B 66 17.47 5.37 -5.80
CA SER B 66 18.36 5.41 -6.95
C SER B 66 19.44 6.48 -6.74
N LYS B 67 19.01 7.67 -6.30
CA LYS B 67 19.94 8.70 -5.88
C LYS B 67 20.93 8.10 -4.86
N LEU B 68 20.36 7.50 -3.82
CA LEU B 68 21.13 6.91 -2.75
C LEU B 68 22.12 5.89 -3.24
N LEU B 69 21.70 5.09 -4.21
CA LEU B 69 22.55 4.03 -4.77
C LEU B 69 23.75 4.65 -5.47
N GLU B 70 23.54 5.84 -6.02
CA GLU B 70 24.59 6.52 -6.74
C GLU B 70 25.55 7.22 -5.77
N LYS B 71 25.01 7.71 -4.65
CA LYS B 71 25.85 8.38 -3.68
C LYS B 71 26.75 7.34 -3.05
N VAL B 72 26.19 6.18 -2.77
CA VAL B 72 26.97 5.11 -2.13
C VAL B 72 28.10 4.64 -3.04
N ARG B 73 27.84 4.64 -4.34
CA ARG B 73 28.84 4.28 -5.34
C ARG B 73 30.00 5.27 -5.36
N LYS B 74 29.68 6.57 -5.31
CA LYS B 74 30.69 7.62 -5.22
C LYS B 74 31.56 7.45 -3.99
N VAL B 75 30.92 7.27 -2.84
CA VAL B 75 31.62 7.11 -1.57
C VAL B 75 32.66 6.00 -1.57
N SER B 76 32.27 4.79 -2.01
CA SER B 76 33.19 3.66 -2.05
C SER B 76 34.41 3.93 -2.93
N VAL B 77 34.21 4.70 -4.01
CA VAL B 77 35.32 5.12 -4.85
C VAL B 77 36.26 6.03 -4.08
N ASN B 78 35.72 6.82 -3.16
CA ASN B 78 36.56 7.75 -2.44
C ASN B 78 37.37 7.02 -1.39
N VAL B 79 36.75 6.04 -0.72
CA VAL B 79 37.47 5.19 0.20
C VAL B 79 38.69 4.51 -0.47
N LYS B 80 38.55 4.14 -1.74
CA LYS B 80 39.65 3.49 -2.44
C LYS B 80 40.79 4.49 -2.73
N THR B 81 40.41 5.73 -3.08
CA THR B 81 41.37 6.78 -3.38
C THR B 81 42.18 7.09 -2.13
N VAL B 82 41.44 7.35 -1.05
CA VAL B 82 42.04 7.70 0.22
C VAL B 82 42.93 6.56 0.71
N ARG B 83 42.51 5.31 0.48
CA ARG B 83 43.34 4.19 0.91
C ARG B 83 44.58 4.07 0.00
N GLY B 84 44.34 4.15 -1.30
CA GLY B 84 45.41 4.10 -2.27
C GLY B 84 46.33 5.25 -1.96
N SER B 85 45.75 6.39 -1.65
CA SER B 85 46.58 7.53 -1.26
C SER B 85 47.35 7.22 0.02
N LEU B 86 46.74 6.41 0.87
CA LEU B 86 47.26 6.17 2.21
C LEU B 86 48.54 5.35 2.21
N GLU B 87 48.50 4.15 1.64
CA GLU B 87 49.72 3.34 1.68
C GLU B 87 50.67 3.69 0.54
N ARG B 88 50.37 4.75 -0.20
CA ARG B 88 51.41 5.40 -1.00
C ARG B 88 52.26 6.21 -0.03
N GLN B 89 51.59 6.75 0.98
CA GLN B 89 52.29 7.47 2.04
C GLN B 89 53.02 6.49 2.93
N ALA B 90 52.40 5.37 3.26
CA ALA B 90 53.06 4.34 4.07
C ALA B 90 54.39 3.95 3.42
N GLY B 91 54.37 3.84 2.10
CA GLY B 91 55.57 3.60 1.33
C GLY B 91 56.56 4.73 1.52
N GLN B 92 56.07 5.96 1.47
CA GLN B 92 56.91 7.16 1.70
C GLN B 92 57.47 7.21 3.11
N ILE B 93 56.71 6.70 4.08
CA ILE B 93 57.10 6.69 5.47
C ILE B 93 58.11 5.59 5.70
N LYS B 94 57.94 4.49 4.96
CA LYS B 94 58.92 3.41 4.95
C LYS B 94 60.28 3.87 4.37
N LYS B 95 60.25 4.68 3.32
CA LYS B 95 61.47 5.14 2.63
C LYS B 95 62.38 5.92 3.56
N LEU B 96 61.78 6.61 4.51
CA LEU B 96 62.45 7.62 5.31
C LEU B 96 62.87 7.08 6.67
N GLU B 97 62.09 6.13 7.19
CA GLU B 97 62.48 5.41 8.39
C GLU B 97 63.49 4.33 8.02
N VAL B 98 63.87 4.28 6.75
CA VAL B 98 64.91 3.39 6.28
C VAL B 98 66.26 4.13 6.17
N ASN B 99 66.20 5.42 5.87
CA ASN B 99 67.40 6.25 5.70
C ASN B 99 67.92 6.98 6.94
N GLU B 100 67.55 6.56 8.16
CA GLU B 100 68.12 7.15 9.38
C GLU B 100 68.06 6.17 10.56
N GLY C 9 -64.19 -12.32 -10.29
CA GLY C 9 -64.01 -13.37 -9.29
C GLY C 9 -62.81 -14.26 -9.55
N VAL C 10 -62.78 -14.88 -10.72
CA VAL C 10 -61.71 -15.80 -11.11
C VAL C 10 -60.48 -15.03 -11.61
N LEU C 11 -60.73 -13.85 -12.15
CA LEU C 11 -59.66 -12.96 -12.62
C LEU C 11 -58.70 -12.55 -11.48
N VAL C 12 -59.26 -12.33 -10.29
CA VAL C 12 -58.48 -11.89 -9.13
C VAL C 12 -57.49 -12.97 -8.71
N LEU C 13 -57.85 -14.23 -8.92
CA LEU C 13 -56.98 -15.31 -8.50
C LEU C 13 -55.84 -15.51 -9.51
N SER C 14 -56.14 -15.45 -10.79
CA SER C 14 -55.07 -15.43 -11.81
C SER C 14 -54.07 -14.31 -11.51
N LEU C 15 -54.58 -13.13 -11.16
CA LEU C 15 -53.75 -12.00 -10.80
C LEU C 15 -52.87 -12.41 -9.63
N LEU C 16 -53.50 -12.81 -8.52
CA LEU C 16 -52.78 -13.27 -7.34
C LEU C 16 -51.69 -14.25 -7.65
N ASP C 17 -51.98 -15.17 -8.57
CA ASP C 17 -50.97 -16.13 -8.96
C ASP C 17 -49.87 -15.41 -9.72
N LYS C 18 -50.25 -14.49 -10.59
CA LYS C 18 -49.28 -13.71 -11.34
C LYS C 18 -48.36 -12.96 -10.38
N ILE C 19 -48.98 -12.32 -9.40
CA ILE C 19 -48.27 -11.56 -8.38
C ILE C 19 -47.37 -12.47 -7.58
N ILE C 20 -47.88 -13.63 -7.18
CA ILE C 20 -47.10 -14.55 -6.34
C ILE C 20 -45.90 -15.06 -7.11
N GLY C 21 -46.08 -15.27 -8.39
CA GLY C 21 -44.99 -15.73 -9.23
C GLY C 21 -43.94 -14.65 -9.30
N ALA C 22 -44.41 -13.42 -9.47
CA ALA C 22 -43.53 -12.27 -9.52
C ALA C 22 -42.75 -12.19 -8.22
N VAL C 23 -43.45 -12.42 -7.12
CA VAL C 23 -42.85 -12.18 -5.81
C VAL C 23 -41.79 -13.23 -5.49
N ASP C 24 -42.05 -14.47 -5.88
CA ASP C 24 -41.09 -15.53 -5.59
C ASP C 24 -39.80 -15.35 -6.39
N GLN C 25 -39.91 -14.87 -7.63
CA GLN C 25 -38.72 -14.52 -8.41
C GLN C 25 -37.92 -13.48 -7.66
N ILE C 26 -38.61 -12.49 -7.13
CA ILE C 26 -37.95 -11.45 -6.37
C ILE C 26 -37.24 -12.02 -5.16
N GLN C 27 -37.84 -12.99 -4.47
CA GLN C 27 -37.25 -13.57 -3.27
C GLN C 27 -35.96 -14.38 -3.59
N LEU C 28 -35.92 -15.00 -4.75
CA LEU C 28 -34.72 -15.73 -5.16
C LEU C 28 -33.64 -14.77 -5.56
N THR C 29 -33.99 -13.86 -6.46
CA THR C 29 -33.06 -12.84 -6.93
C THR C 29 -32.43 -12.05 -5.78
N GLN C 30 -33.23 -11.71 -4.78
CA GLN C 30 -32.72 -10.94 -3.66
C GLN C 30 -31.78 -11.78 -2.79
N ALA C 31 -31.95 -13.09 -2.78
CA ALA C 31 -31.12 -13.95 -1.94
C ALA C 31 -29.77 -14.19 -2.57
N GLN C 32 -29.70 -13.99 -3.87
CA GLN C 32 -28.43 -14.19 -4.51
C GLN C 32 -27.74 -12.86 -4.61
N LEU C 33 -28.54 -11.81 -4.60
CA LEU C 33 -28.02 -10.46 -4.43
C LEU C 33 -27.27 -10.34 -3.11
N GLU C 34 -27.92 -10.64 -1.99
CA GLU C 34 -27.28 -10.59 -0.67
C GLU C 34 -26.00 -11.41 -0.60
N GLU C 35 -26.07 -12.63 -1.17
CA GLU C 35 -24.98 -13.57 -1.06
C GLU C 35 -23.68 -13.07 -1.67
N ARG C 36 -23.73 -12.37 -2.80
CA ARG C 36 -22.48 -11.89 -3.41
C ARG C 36 -22.23 -10.46 -2.98
N GLN C 37 -23.26 -9.86 -2.41
CA GLN C 37 -23.09 -8.62 -1.71
C GLN C 37 -22.18 -8.93 -0.54
N ALA C 38 -22.37 -10.12 0.03
CA ALA C 38 -21.62 -10.56 1.19
C ALA C 38 -20.20 -10.91 0.82
N GLU C 39 -20.07 -11.58 -0.33
CA GLU C 39 -18.77 -11.94 -0.87
C GLU C 39 -17.89 -10.71 -1.11
N MET C 40 -18.33 -9.81 -2.00
CA MET C 40 -17.57 -8.58 -2.28
C MET C 40 -17.29 -7.75 -1.04
N GLU C 41 -18.18 -7.76 -0.05
CA GLU C 41 -17.91 -7.08 1.21
C GLU C 41 -16.62 -7.65 1.81
N GLY C 42 -16.53 -8.97 1.89
CA GLY C 42 -15.34 -9.61 2.40
C GLY C 42 -14.12 -9.44 1.52
N ALA C 43 -14.31 -9.27 0.21
CA ALA C 43 -13.20 -9.05 -0.71
C ALA C 43 -12.67 -7.65 -0.43
N VAL C 44 -13.58 -6.71 -0.28
CA VAL C 44 -13.24 -5.34 0.00
C VAL C 44 -12.50 -5.21 1.33
N GLN C 45 -12.93 -5.94 2.35
CA GLN C 45 -12.29 -5.86 3.65
C GLN C 45 -10.87 -6.47 3.62
N SER C 46 -10.69 -7.52 2.83
CA SER C 46 -9.36 -8.05 2.54
C SER C 46 -8.47 -6.99 1.90
N ILE C 47 -9.00 -6.30 0.91
CA ILE C 47 -8.21 -5.34 0.14
C ILE C 47 -7.77 -4.19 1.06
N GLN C 48 -8.66 -3.71 1.91
CA GLN C 48 -8.25 -2.70 2.87
C GLN C 48 -7.13 -3.28 3.76
N GLY C 49 -7.19 -4.59 3.99
CA GLY C 49 -6.28 -5.24 4.90
C GLY C 49 -4.86 -5.26 4.37
N GLU C 50 -4.67 -5.76 3.15
CA GLU C 50 -3.34 -5.85 2.59
C GLU C 50 -2.80 -4.47 2.18
N LEU C 51 -3.69 -3.58 1.78
CA LEU C 51 -3.31 -2.20 1.53
C LEU C 51 -2.72 -1.55 2.78
N SER C 52 -3.50 -1.49 3.85
CA SER C 52 -3.05 -0.81 5.06
C SER C 52 -1.83 -1.51 5.60
N LYS C 53 -1.74 -2.80 5.32
CA LYS C 53 -0.52 -3.55 5.60
C LYS C 53 0.62 -2.91 4.78
N LEU C 54 0.47 -2.91 3.46
CA LEU C 54 1.48 -2.37 2.53
C LEU C 54 1.87 -0.94 2.86
N GLY C 55 0.92 -0.17 3.36
CA GLY C 55 1.15 1.21 3.65
C GLY C 55 2.13 1.36 4.79
N LYS C 56 1.99 0.48 5.79
CA LYS C 56 2.91 0.45 6.93
C LYS C 56 4.28 -0.05 6.50
N ALA C 57 4.30 -1.17 5.77
CA ALA C 57 5.52 -1.68 5.16
C ALA C 57 6.32 -0.58 4.43
N HIS C 58 5.62 0.31 3.75
CA HIS C 58 6.29 1.33 2.96
C HIS C 58 6.83 2.45 3.84
N ALA C 59 6.13 2.74 4.93
CA ALA C 59 6.55 3.78 5.86
C ALA C 59 7.89 3.39 6.42
N THR C 60 7.95 2.16 6.91
CA THR C 60 9.18 1.51 7.32
C THR C 60 10.34 1.72 6.34
N THR C 61 10.19 1.15 5.15
CA THR C 61 11.18 1.26 4.07
C THR C 61 11.63 2.71 3.88
N SER C 62 10.69 3.64 3.98
CA SER C 62 11.00 5.04 3.83
C SER C 62 11.73 5.61 5.06
N ASN C 63 11.41 5.08 6.23
CA ASN C 63 12.11 5.50 7.43
C ASN C 63 13.53 4.96 7.40
N THR C 64 13.65 3.74 6.89
CA THR C 64 14.94 3.13 6.67
C THR C 64 15.78 3.93 5.69
N VAL C 65 15.16 4.35 4.59
CA VAL C 65 15.90 5.06 3.55
C VAL C 65 16.43 6.42 4.07
N SER C 66 15.65 7.05 4.95
CA SER C 66 16.05 8.36 5.45
C SER C 66 17.21 8.18 6.41
N LYS C 67 17.15 7.15 7.24
CA LYS C 67 18.27 6.76 8.08
C LYS C 67 19.55 6.42 7.26
N LEU C 68 19.38 5.77 6.11
CA LEU C 68 20.51 5.51 5.23
C LEU C 68 21.10 6.78 4.65
N LEU C 69 20.24 7.74 4.31
CA LEU C 69 20.69 9.00 3.74
C LEU C 69 21.69 9.66 4.67
N GLU C 70 21.33 9.67 5.95
CA GLU C 70 22.15 10.30 6.96
C GLU C 70 23.39 9.52 7.37
N LYS C 71 23.36 8.20 7.20
CA LYS C 71 24.53 7.38 7.45
C LYS C 71 25.52 7.68 6.35
N VAL C 72 25.02 7.69 5.11
CA VAL C 72 25.88 7.98 3.96
C VAL C 72 26.55 9.35 4.10
N ARG C 73 25.79 10.33 4.56
CA ARG C 73 26.37 11.65 4.68
C ARG C 73 27.49 11.61 5.69
N LYS C 74 27.21 11.04 6.88
CA LYS C 74 28.20 11.01 7.95
C LYS C 74 29.50 10.38 7.47
N VAL C 75 29.37 9.23 6.81
CA VAL C 75 30.51 8.56 6.21
C VAL C 75 31.23 9.45 5.23
N SER C 76 30.50 9.92 4.23
CA SER C 76 31.02 10.82 3.21
C SER C 76 31.87 11.94 3.81
N VAL C 77 31.40 12.50 4.93
CA VAL C 77 32.09 13.58 5.62
C VAL C 77 33.37 13.06 6.25
N ASN C 78 33.30 11.89 6.89
CA ASN C 78 34.49 11.30 7.49
C ASN C 78 35.58 11.04 6.45
N VAL C 79 35.19 10.45 5.33
CA VAL C 79 36.13 10.18 4.24
C VAL C 79 36.82 11.47 3.83
N LYS C 80 36.12 12.59 3.94
CA LYS C 80 36.73 13.88 3.58
C LYS C 80 37.62 14.44 4.68
N THR C 81 37.25 14.22 5.93
CA THR C 81 38.13 14.59 7.05
C THR C 81 39.40 13.73 7.01
N VAL C 82 39.26 12.50 6.54
CA VAL C 82 40.38 11.60 6.42
C VAL C 82 41.24 12.02 5.23
N ARG C 83 40.60 12.49 4.15
CA ARG C 83 41.39 12.99 3.04
C ARG C 83 42.17 14.21 3.50
N GLY C 84 41.51 15.08 4.26
CA GLY C 84 42.09 16.33 4.68
C GLY C 84 43.18 16.13 5.71
N SER C 85 43.05 15.10 6.54
CA SER C 85 44.09 14.74 7.50
C SER C 85 45.31 14.23 6.75
N LEU C 86 45.08 13.43 5.72
CA LEU C 86 46.17 12.92 4.89
C LEU C 86 46.87 14.02 4.09
N GLU C 87 46.18 15.13 3.84
CA GLU C 87 46.79 16.25 3.13
C GLU C 87 47.71 17.01 4.08
N ARG C 88 47.34 17.03 5.35
CA ARG C 88 48.18 17.63 6.39
C ARG C 88 49.42 16.77 6.64
N GLN C 89 49.25 15.45 6.55
CA GLN C 89 50.34 14.49 6.77
C GLN C 89 51.36 14.49 5.62
N ALA C 90 50.88 14.74 4.40
CA ALA C 90 51.76 14.76 3.23
C ALA C 90 52.66 15.99 3.24
N GLY C 91 52.11 17.12 3.70
CA GLY C 91 52.89 18.33 3.86
C GLY C 91 53.99 18.11 4.87
N GLN C 92 53.62 17.48 5.99
CA GLN C 92 54.55 17.17 7.06
C GLN C 92 55.72 16.33 6.58
N ILE C 93 55.41 15.23 5.91
CA ILE C 93 56.42 14.32 5.36
C ILE C 93 57.41 15.02 4.42
N LYS C 94 56.90 15.92 3.60
CA LYS C 94 57.72 16.48 2.53
C LYS C 94 58.90 17.32 3.03
N LYS C 95 58.74 17.90 4.23
CA LYS C 95 59.82 18.65 4.88
C LYS C 95 60.80 17.74 5.62
N LEU C 96 60.32 16.58 6.08
CA LEU C 96 61.22 15.53 6.56
C LEU C 96 62.14 15.09 5.42
N GLU C 97 61.61 15.20 4.21
CA GLU C 97 62.36 14.88 2.98
C GLU C 97 63.42 15.94 2.65
N VAL C 98 63.38 17.05 3.37
CA VAL C 98 64.41 18.07 3.22
C VAL C 98 65.69 17.58 3.93
N ASN C 99 65.56 16.52 4.73
CA ASN C 99 66.72 15.98 5.46
C ASN C 99 66.72 14.47 5.66
#